data_2NYK
#
_entry.id   2NYK
#
_cell.length_a   120.028
_cell.length_b   43.805
_cell.length_c   62.321
_cell.angle_alpha   90.00
_cell.angle_beta   101.52
_cell.angle_gamma   90.00
#
_symmetry.space_group_name_H-M   'C 1 2 1'
#
loop_
_entity.id
_entity.type
_entity.pdbx_description
1 polymer M157
2 branched 2-acetamido-2-deoxy-beta-D-glucopyranose-(1-4)-[alpha-L-fucopyranose-(1-6)]2-acetamido-2-deoxy-beta-D-glucopyranose
3 non-polymer 2-acetamido-2-deoxy-beta-D-glucopyranose
4 water water
#
_entity_poly.entity_id   1
_entity_poly.type   'polypeptide(L)'
_entity_poly.pdbx_seq_one_letter_code
;IFNPDPDDTYIVNMDDFQFTFTMEFEVTVTRGGVHKRTISVDNGRPVVVWDVGDRDPKICKICPDVSSTDIEYVFLDIQK
MRLNNLLTQSLWDTQRICVRYACLFLGFDVICDVYHTTDTVRVAYTGQTGKINIQGSGKFSTSDAKEIGTYMIKSNVREI
KNRWRSTVQKLKQLAYMNATEVEFWYNTTGLTTCVVTSRSNVPFTVELSLNTNCSAIVTDESTVDCQILTVKAPGSHAQR
CYVTSSLGWKGVVTPPSQYRTKRVPVNISSSKWTGIVNWKGNVNR
;
_entity_poly.pdbx_strand_id   A
#
# COMPACT_ATOMS: atom_id res chain seq x y z
N ASP A 8 -21.52 20.19 3.11
CA ASP A 8 -22.52 19.49 3.98
C ASP A 8 -22.66 18.00 3.61
N THR A 9 -23.42 17.28 4.43
CA THR A 9 -23.67 15.85 4.25
C THR A 9 -24.09 15.45 2.81
N TYR A 10 -24.95 16.27 2.21
CA TYR A 10 -25.40 16.08 0.84
C TYR A 10 -24.25 15.96 -0.18
N ILE A 11 -23.33 16.92 -0.14
CA ILE A 11 -22.19 16.93 -1.06
C ILE A 11 -21.21 15.79 -0.76
N VAL A 12 -20.99 15.49 0.52
CA VAL A 12 -20.13 14.36 0.91
C VAL A 12 -20.63 13.07 0.27
N ASN A 13 -21.95 12.89 0.25
CA ASN A 13 -22.58 11.69 -0.32
C ASN A 13 -22.28 11.52 -1.80
N MET A 14 -22.44 12.60 -2.54
CA MET A 14 -22.17 12.59 -3.96
C MET A 14 -20.71 12.32 -4.25
N ASP A 15 -19.82 12.93 -3.47
CA ASP A 15 -18.38 12.71 -3.61
C ASP A 15 -17.94 11.29 -3.21
N ASP A 16 -18.61 10.72 -2.22
CA ASP A 16 -18.34 9.33 -1.82
C ASP A 16 -18.65 8.41 -2.99
N PHE A 17 -19.77 8.69 -3.65
CA PHE A 17 -20.17 7.87 -4.78
C PHE A 17 -19.20 8.03 -5.93
N GLN A 18 -18.87 9.27 -6.27
CA GLN A 18 -18.14 9.54 -7.52
C GLN A 18 -16.66 9.12 -7.48
N PHE A 19 -16.04 9.17 -6.32
CA PHE A 19 -14.62 8.87 -6.18
C PHE A 19 -14.30 7.38 -6.27
N THR A 20 -13.52 7.02 -7.29
CA THR A 20 -13.11 5.64 -7.55
C THR A 20 -11.73 5.35 -6.95
N PHE A 21 -11.61 4.16 -6.34
CA PHE A 21 -10.34 3.72 -5.75
C PHE A 21 -10.40 2.23 -5.40
N THR A 22 -9.25 1.66 -5.07
CA THR A 22 -9.16 0.25 -4.73
C THR A 22 -8.64 0.13 -3.30
N MET A 23 -9.01 -0.98 -2.66
CA MET A 23 -8.53 -1.33 -1.34
C MET A 23 -8.15 -2.79 -1.38
N GLU A 24 -7.01 -3.11 -0.76
CA GLU A 24 -6.50 -4.47 -0.76
C GLU A 24 -6.41 -4.91 0.67
N PHE A 25 -7.12 -5.98 0.99
CA PHE A 25 -7.13 -6.54 2.33
C PHE A 25 -6.33 -7.81 2.27
N GLU A 26 -5.33 -7.96 3.14
CA GLU A 26 -4.51 -9.15 3.09
C GLU A 26 -4.28 -9.75 4.48
N VAL A 27 -4.35 -11.07 4.57
CA VAL A 27 -4.08 -11.74 5.84
C VAL A 27 -3.17 -12.94 5.58
N THR A 28 -2.15 -13.06 6.40
CA THR A 28 -1.22 -14.17 6.35
C THR A 28 -1.22 -14.86 7.70
N VAL A 29 -1.34 -16.19 7.67
CA VAL A 29 -1.26 -17.02 8.87
C VAL A 29 -0.16 -18.08 8.64
N THR A 30 0.74 -18.22 9.61
CA THR A 30 1.83 -19.21 9.49
C THR A 30 1.77 -20.18 10.67
N ARG A 31 2.14 -21.43 10.43
CA ARG A 31 2.36 -22.42 11.51
C ARG A 31 3.50 -21.95 12.42
N GLY A 32 3.18 -21.76 13.70
CA GLY A 32 4.15 -21.17 14.63
C GLY A 32 3.68 -19.82 15.15
N GLY A 33 2.42 -19.51 14.87
CA GLY A 33 1.75 -18.35 15.45
C GLY A 33 2.00 -16.97 14.85
N VAL A 34 2.80 -16.90 13.78
CA VAL A 34 3.09 -15.62 13.12
C VAL A 34 2.00 -15.29 12.10
N HIS A 35 1.22 -14.24 12.42
CA HIS A 35 0.19 -13.74 11.51
C HIS A 35 0.37 -12.24 11.23
N LYS A 36 -0.32 -11.77 10.19
CA LYS A 36 -0.27 -10.39 9.80
C LYS A 36 -1.51 -10.03 9.00
N ARG A 37 -2.11 -8.90 9.33
CA ARG A 37 -3.28 -8.35 8.61
C ARG A 37 -2.90 -6.96 8.15
N THR A 38 -3.25 -6.62 6.92
CA THR A 38 -2.91 -5.32 6.36
C THR A 38 -3.99 -4.75 5.46
N ILE A 39 -4.00 -3.43 5.35
CA ILE A 39 -4.90 -2.76 4.43
C ILE A 39 -4.03 -1.81 3.63
N SER A 40 -4.22 -1.81 2.31
CA SER A 40 -3.54 -0.90 1.40
C SER A 40 -4.65 -0.27 0.57
N VAL A 41 -4.35 0.82 -0.11
CA VAL A 41 -5.32 1.44 -0.97
C VAL A 41 -4.62 1.75 -2.27
N ASP A 42 -5.40 1.72 -3.34
CA ASP A 42 -4.92 2.03 -4.69
C ASP A 42 -3.69 1.25 -5.11
N ASN A 43 -3.68 -0.01 -4.70
CA ASN A 43 -2.58 -0.94 -5.01
C ASN A 43 -1.19 -0.41 -4.57
N GLY A 44 -1.15 0.33 -3.45
CA GLY A 44 0.11 0.88 -2.95
C GLY A 44 0.59 0.11 -1.75
N ARG A 45 1.48 0.70 -0.95
CA ARG A 45 1.98 0.05 0.25
C ARG A 45 0.89 0.05 1.31
N PRO A 46 1.00 -0.84 2.31
CA PRO A 46 0.00 -0.84 3.35
C PRO A 46 -0.04 0.43 4.17
N VAL A 47 -1.25 0.82 4.52
CA VAL A 47 -1.44 2.02 5.36
C VAL A 47 -1.97 1.65 6.76
N VAL A 48 -2.30 0.38 6.93
CA VAL A 48 -2.74 -0.19 8.23
C VAL A 48 -2.15 -1.58 8.37
N VAL A 49 -1.43 -1.84 9.46
CA VAL A 49 -0.74 -3.11 9.68
C VAL A 49 -1.03 -3.66 11.09
N TRP A 50 -1.52 -4.90 11.17
CA TRP A 50 -1.67 -5.62 12.45
C TRP A 50 -0.64 -6.73 12.47
N ASP A 51 0.39 -6.57 13.30
CA ASP A 51 1.41 -7.59 13.53
C ASP A 51 1.13 -8.48 14.73
N VAL A 52 1.66 -9.70 14.68
CA VAL A 52 1.53 -10.67 15.78
C VAL A 52 2.01 -10.11 17.13
N ARG A 55 -2.76 -6.75 20.31
CA ARG A 55 -2.15 -5.42 20.29
C ARG A 55 -2.95 -4.42 19.45
N ASP A 56 -2.33 -3.28 19.13
CA ASP A 56 -2.96 -2.25 18.31
C ASP A 56 -2.31 -2.22 16.92
N PRO A 57 -3.08 -1.88 15.87
CA PRO A 57 -2.48 -1.78 14.55
C PRO A 57 -1.69 -0.49 14.39
N LYS A 58 -0.69 -0.50 13.53
CA LYS A 58 -0.09 0.74 13.07
C LYS A 58 -1.02 1.31 12.00
N ILE A 59 -1.50 2.53 12.22
CA ILE A 59 -2.46 3.17 11.34
C ILE A 59 -1.82 4.46 10.86
N CYS A 60 -1.81 4.67 9.54
CA CYS A 60 -1.26 5.91 8.97
C CYS A 60 -1.95 7.14 9.59
N LYS A 61 -1.15 8.19 9.83
CA LYS A 61 -1.64 9.40 10.52
C LYS A 61 -2.84 10.04 9.85
N ILE A 62 -2.97 9.91 8.53
CA ILE A 62 -4.11 10.52 7.84
C ILE A 62 -5.20 9.48 7.55
N CYS A 63 -5.04 8.29 8.14
CA CYS A 63 -6.02 7.20 8.00
C CYS A 63 -7.15 7.36 9.03
N PRO A 64 -8.36 6.86 8.70
CA PRO A 64 -9.42 6.87 9.69
C PRO A 64 -9.06 5.89 10.81
N ASP A 65 -9.64 6.08 12.00
CA ASP A 65 -9.36 5.10 13.05
C ASP A 65 -10.06 3.81 12.69
N VAL A 66 -9.37 2.69 12.92
CA VAL A 66 -9.97 1.37 12.70
C VAL A 66 -10.04 0.64 14.04
N SER A 67 -11.23 0.64 14.63
CA SER A 67 -11.46 -0.04 15.91
C SER A 67 -11.79 -1.50 15.65
N SER A 68 -11.89 -2.27 16.74
CA SER A 68 -12.18 -3.68 16.69
C SER A 68 -13.57 -4.00 16.13
N THR A 69 -14.41 -2.98 15.98
CA THR A 69 -15.77 -3.22 15.47
C THR A 69 -16.03 -2.64 14.08
N ASP A 70 -15.04 -1.93 13.53
CA ASP A 70 -15.17 -1.37 12.17
C ASP A 70 -15.16 -2.50 11.13
N ILE A 71 -15.85 -2.29 10.00
CA ILE A 71 -15.96 -3.33 8.96
C ILE A 71 -14.61 -3.86 8.49
N GLU A 72 -13.64 -2.97 8.26
CA GLU A 72 -12.31 -3.39 7.79
C GLU A 72 -11.64 -4.35 8.74
N TYR A 73 -11.68 -4.00 10.03
CA TYR A 73 -11.08 -4.82 11.08
C TYR A 73 -11.75 -6.17 11.17
N VAL A 74 -13.08 -6.16 11.22
CA VAL A 74 -13.85 -7.38 11.32
C VAL A 74 -13.66 -8.29 10.10
N PHE A 75 -13.64 -7.71 8.89
CA PHE A 75 -13.38 -8.50 7.68
C PHE A 75 -12.07 -9.28 7.80
N LEU A 76 -11.01 -8.59 8.23
CA LEU A 76 -9.69 -9.19 8.37
C LEU A 76 -9.64 -10.23 9.49
N ASP A 77 -10.33 -9.93 10.60
CA ASP A 77 -10.44 -10.84 11.74
C ASP A 77 -11.12 -12.15 11.33
N ILE A 78 -12.22 -12.05 10.62
CA ILE A 78 -12.92 -13.21 10.09
C ILE A 78 -12.05 -14.03 9.12
N GLN A 79 -11.36 -13.36 8.20
CA GLN A 79 -10.44 -14.07 7.31
C GLN A 79 -9.31 -14.75 8.09
N LYS A 80 -8.73 -14.06 9.06
CA LYS A 80 -7.71 -14.69 9.89
C LYS A 80 -8.23 -15.97 10.55
N MET A 81 -9.40 -15.92 11.19
CA MET A 81 -9.97 -17.10 11.86
C MET A 81 -10.22 -18.23 10.86
N ARG A 82 -10.73 -17.86 9.69
CA ARG A 82 -10.97 -18.78 8.59
C ARG A 82 -9.71 -19.52 8.16
N LEU A 83 -8.61 -18.76 8.01
CA LEU A 83 -7.33 -19.34 7.59
C LEU A 83 -6.73 -20.25 8.67
N ASN A 84 -6.84 -19.84 9.93
CA ASN A 84 -6.43 -20.67 11.07
C ASN A 84 -7.12 -22.01 11.05
N ASN A 85 -8.42 -21.99 10.78
CA ASN A 85 -9.22 -23.20 10.64
C ASN A 85 -8.74 -24.10 9.52
N LEU A 86 -8.43 -23.49 8.37
CA LEU A 86 -7.94 -24.23 7.21
C LEU A 86 -6.63 -24.96 7.50
N LEU A 87 -5.73 -24.28 8.20
CA LEU A 87 -4.46 -24.88 8.60
C LEU A 87 -4.69 -26.06 9.55
N THR A 88 -5.35 -25.77 10.68
CA THR A 88 -5.67 -26.78 11.70
C THR A 88 -6.49 -27.94 11.14
N GLN A 89 -7.52 -27.63 10.35
CA GLN A 89 -8.41 -28.65 9.80
C GLN A 89 -7.74 -29.53 8.74
N SER A 90 -7.28 -28.94 7.62
CA SER A 90 -6.87 -29.77 6.48
C SER A 90 -5.89 -29.13 5.49
N LEU A 91 -4.78 -28.59 5.99
CA LEU A 91 -3.72 -28.10 5.10
C LEU A 91 -2.33 -28.28 5.74
N TRP A 92 -1.92 -29.54 5.90
CA TRP A 92 -0.63 -29.85 6.52
C TRP A 92 0.54 -29.81 5.54
N ASP A 93 0.23 -29.84 4.23
CA ASP A 93 1.27 -29.72 3.20
C ASP A 93 1.72 -28.26 3.00
N THR A 94 1.38 -27.41 3.97
CA THR A 94 1.77 -25.99 3.95
C THR A 94 2.06 -25.47 5.35
N GLN A 95 3.08 -24.64 5.45
CA GLN A 95 3.47 -24.00 6.70
C GLN A 95 2.82 -22.63 6.85
N ARG A 96 2.23 -22.14 5.76
CA ARG A 96 1.59 -20.84 5.78
C ARG A 96 0.47 -20.69 4.74
N ILE A 97 -0.43 -19.76 5.00
CA ILE A 97 -1.51 -19.47 4.06
C ILE A 97 -1.77 -17.96 4.04
N CYS A 98 -1.98 -17.43 2.86
CA CYS A 98 -2.30 -16.02 2.72
C CYS A 98 -3.54 -15.85 1.86
N VAL A 99 -4.36 -14.87 2.21
CA VAL A 99 -5.51 -14.48 1.40
C VAL A 99 -5.42 -12.99 1.11
N ARG A 100 -5.77 -12.59 -0.12
CA ARG A 100 -5.76 -11.19 -0.50
C ARG A 100 -7.02 -10.81 -1.31
N TYR A 101 -7.76 -9.82 -0.83
CA TYR A 101 -8.92 -9.31 -1.55
C TYR A 101 -8.50 -7.99 -2.15
N ALA A 102 -8.45 -7.94 -3.46
CA ALA A 102 -8.09 -6.72 -4.16
C ALA A 102 -9.38 -6.19 -4.78
N CYS A 103 -9.90 -5.13 -4.18
CA CYS A 103 -11.25 -4.65 -4.49
C CYS A 103 -11.27 -3.25 -5.12
N LEU A 104 -12.06 -3.12 -6.18
CA LEU A 104 -12.28 -1.85 -6.84
C LEU A 104 -13.62 -1.31 -6.41
N PHE A 105 -13.63 -0.08 -5.88
CA PHE A 105 -14.87 0.57 -5.45
C PHE A 105 -15.32 1.53 -6.53
N LEU A 106 -16.29 1.10 -7.33
CA LEU A 106 -16.79 1.88 -8.45
C LEU A 106 -18.26 2.28 -8.18
N GLY A 107 -18.50 3.58 -8.00
CA GLY A 107 -19.81 4.03 -7.50
C GLY A 107 -20.00 3.37 -6.17
N PHE A 108 -21.10 2.66 -6.01
CA PHE A 108 -21.30 1.84 -4.81
C PHE A 108 -21.25 0.35 -5.11
N ASP A 109 -20.60 0.01 -6.22
CA ASP A 109 -20.36 -1.37 -6.62
C ASP A 109 -18.93 -1.72 -6.27
N VAL A 110 -18.66 -3.02 -6.24
CA VAL A 110 -17.35 -3.53 -5.91
C VAL A 110 -17.07 -4.73 -6.77
N ILE A 111 -15.84 -4.79 -7.28
CA ILE A 111 -15.31 -5.94 -7.98
C ILE A 111 -14.02 -6.33 -7.27
N CYS A 112 -13.97 -7.54 -6.72
CA CYS A 112 -12.76 -8.00 -6.03
C CYS A 112 -12.15 -9.20 -6.72
N ASP A 113 -10.82 -9.19 -6.79
CA ASP A 113 -10.08 -10.38 -7.21
C ASP A 113 -9.60 -10.95 -5.91
N VAL A 114 -9.82 -12.23 -5.72
CA VAL A 114 -9.49 -12.87 -4.45
C VAL A 114 -8.35 -13.89 -4.65
N TYR A 115 -7.27 -13.74 -3.89
CA TYR A 115 -6.11 -14.61 -4.05
C TYR A 115 -5.84 -15.39 -2.78
N HIS A 116 -5.63 -16.69 -2.92
CA HIS A 116 -5.23 -17.56 -1.82
C HIS A 116 -3.90 -18.18 -2.21
N THR A 117 -2.97 -18.23 -1.27
CA THR A 117 -1.65 -18.80 -1.54
C THR A 117 -1.20 -19.69 -0.39
N THR A 118 -0.74 -20.88 -0.77
CA THR A 118 -0.11 -21.82 0.15
C THR A 118 1.24 -22.22 -0.46
N ASP A 119 2.02 -23.00 0.28
CA ASP A 119 3.34 -23.44 -0.19
C ASP A 119 3.31 -24.04 -1.58
N THR A 120 2.35 -24.93 -1.83
CA THR A 120 2.26 -25.62 -3.12
C THR A 120 1.08 -25.20 -4.03
N VAL A 121 0.19 -24.35 -3.53
CA VAL A 121 -1.02 -24.00 -4.30
C VAL A 121 -1.33 -22.51 -4.34
N ARG A 122 -1.66 -22.03 -5.53
CA ARG A 122 -2.05 -20.65 -5.74
C ARG A 122 -3.42 -20.63 -6.44
N VAL A 123 -4.37 -19.89 -5.86
CA VAL A 123 -5.74 -19.80 -6.39
C VAL A 123 -6.10 -18.33 -6.59
N ALA A 124 -6.87 -18.06 -7.64
CA ALA A 124 -7.37 -16.71 -7.92
C ALA A 124 -8.83 -16.77 -8.42
N TYR A 125 -9.73 -16.11 -7.68
CA TYR A 125 -11.13 -15.92 -8.09
C TYR A 125 -11.20 -14.49 -8.54
N THR A 126 -11.26 -14.26 -9.85
CA THR A 126 -11.28 -12.91 -10.37
C THR A 126 -12.70 -12.46 -10.68
N GLY A 127 -12.92 -11.15 -10.65
CA GLY A 127 -14.20 -10.56 -11.06
C GLY A 127 -15.38 -10.86 -10.14
N GLN A 128 -15.12 -11.15 -8.85
CA GLN A 128 -16.18 -11.36 -7.85
C GLN A 128 -16.92 -10.05 -7.61
N THR A 129 -18.24 -10.12 -7.54
CA THR A 129 -19.07 -8.93 -7.36
C THR A 129 -19.86 -9.02 -6.05
N GLY A 130 -19.79 -10.18 -5.42
CA GLY A 130 -20.56 -10.47 -4.19
C GLY A 130 -22.08 -10.37 -4.35
N LYS A 131 -22.58 -10.69 -5.53
CA LYS A 131 -24.02 -10.64 -5.81
C LYS A 131 -24.58 -12.00 -6.22
N GLU A 147 -17.12 -16.61 -2.48
CA GLU A 147 -18.02 -15.53 -2.96
C GLU A 147 -18.62 -14.70 -1.82
N ILE A 148 -18.68 -15.30 -0.63
CA ILE A 148 -19.28 -14.65 0.54
C ILE A 148 -18.42 -13.46 0.95
N GLY A 149 -17.08 -13.64 0.91
CA GLY A 149 -16.13 -12.61 1.32
C GLY A 149 -16.44 -11.29 0.66
N THR A 150 -16.50 -11.30 -0.67
CA THR A 150 -16.80 -10.07 -1.43
C THR A 150 -18.18 -9.51 -1.05
N TYR A 151 -19.13 -10.40 -0.73
CA TYR A 151 -20.48 -9.98 -0.32
C TYR A 151 -20.43 -8.98 0.86
N MET A 152 -19.66 -9.32 1.90
CA MET A 152 -19.47 -8.46 3.06
C MET A 152 -18.92 -7.09 2.70
N ILE A 153 -17.91 -7.07 1.84
CA ILE A 153 -17.36 -5.81 1.35
C ILE A 153 -18.43 -5.03 0.56
N LYS A 154 -19.07 -5.71 -0.40
CA LYS A 154 -20.13 -5.13 -1.22
C LYS A 154 -21.22 -4.51 -0.35
N SER A 155 -21.65 -5.24 0.67
CA SER A 155 -22.73 -4.77 1.55
C SER A 155 -22.38 -3.54 2.37
N ASN A 156 -21.11 -3.17 2.40
CA ASN A 156 -20.65 -2.07 3.24
C ASN A 156 -19.89 -1.02 2.45
N VAL A 157 -20.06 -1.02 1.13
CA VAL A 157 -19.32 -0.11 0.25
C VAL A 157 -19.46 1.35 0.68
N ARG A 158 -20.70 1.81 0.85
CA ARG A 158 -20.93 3.22 1.23
C ARG A 158 -20.14 3.65 2.47
N GLU A 159 -20.17 2.82 3.52
CA GLU A 159 -19.46 3.13 4.74
C GLU A 159 -17.94 3.20 4.51
N ILE A 160 -17.40 2.20 3.79
CA ILE A 160 -15.95 2.16 3.51
C ILE A 160 -15.48 3.37 2.71
N LYS A 161 -16.17 3.67 1.62
CA LYS A 161 -15.86 4.85 0.80
C LYS A 161 -15.96 6.13 1.60
N ASN A 162 -17.00 6.25 2.40
CA ASN A 162 -17.17 7.43 3.26
C ASN A 162 -16.01 7.61 4.25
N ARG A 163 -15.60 6.49 4.83
CA ARG A 163 -14.49 6.45 5.79
C ARG A 163 -13.13 6.75 5.17
N TRP A 164 -12.91 6.29 3.95
CA TRP A 164 -11.58 6.33 3.32
C TRP A 164 -11.34 7.36 2.23
N ARG A 165 -12.40 7.87 1.61
CA ARG A 165 -12.24 8.78 0.49
C ARG A 165 -11.21 9.89 0.73
N SER A 166 -11.39 10.66 1.79
CA SER A 166 -10.49 11.76 2.09
C SER A 166 -9.02 11.29 2.23
N THR A 167 -8.82 10.17 2.91
CA THR A 167 -7.49 9.58 3.08
C THR A 167 -6.86 9.26 1.73
N VAL A 168 -7.63 8.64 0.84
CA VAL A 168 -7.11 8.22 -0.45
C VAL A 168 -6.79 9.40 -1.38
N GLN A 169 -7.62 10.44 -1.35
CA GLN A 169 -7.35 11.64 -2.13
C GLN A 169 -6.06 12.31 -1.64
N LYS A 170 -5.88 12.41 -0.33
CA LYS A 170 -4.64 12.99 0.22
C LYS A 170 -3.41 12.18 -0.16
N LEU A 171 -3.50 10.85 -0.06
CA LEU A 171 -2.40 9.97 -0.44
C LEU A 171 -1.97 10.17 -1.92
N LYS A 172 -2.92 10.46 -2.80
CA LYS A 172 -2.60 10.73 -4.19
C LYS A 172 -1.83 12.02 -4.29
N GLN A 173 -2.34 13.08 -3.65
CA GLN A 173 -1.65 14.38 -3.71
C GLN A 173 -0.25 14.39 -3.07
N LEU A 174 -0.06 13.55 -2.06
CA LEU A 174 1.24 13.41 -1.40
C LEU A 174 2.23 12.65 -2.27
N ALA A 175 1.71 12.04 -3.32
CA ALA A 175 2.49 11.27 -4.29
C ALA A 175 2.97 12.14 -5.44
N TYR A 176 2.48 13.38 -5.50
CA TYR A 176 2.88 14.32 -6.56
C TYR A 176 4.37 14.60 -6.50
N MET A 177 4.94 14.97 -7.65
CA MET A 177 6.37 15.28 -7.72
C MET A 177 6.77 16.37 -6.73
N ASN A 178 5.95 17.41 -6.63
CA ASN A 178 6.27 18.55 -5.78
C ASN A 178 6.05 18.30 -4.27
N ALA A 179 5.67 17.08 -3.90
CA ALA A 179 5.52 16.68 -2.49
C ALA A 179 6.60 15.65 -2.14
N THR A 180 7.46 15.39 -3.12
CA THR A 180 8.52 14.40 -3.01
C THR A 180 9.85 15.06 -2.66
N GLU A 181 10.49 14.60 -1.58
CA GLU A 181 11.75 15.25 -1.15
C GLU A 181 12.92 14.39 -1.57
N VAL A 182 14.01 15.01 -2.02
CA VAL A 182 15.18 14.32 -2.58
C VAL A 182 16.51 14.91 -2.09
N GLU A 183 17.32 14.07 -1.43
CA GLU A 183 18.64 14.42 -0.97
C GLU A 183 19.64 13.71 -1.86
N PHE A 184 20.23 14.48 -2.80
CA PHE A 184 21.14 13.94 -3.79
C PHE A 184 22.47 14.68 -3.67
N TRP A 185 23.45 13.99 -3.08
CA TRP A 185 24.76 14.60 -2.82
C TRP A 185 25.92 13.62 -3.07
N TYR A 186 27.15 14.11 -2.96
CA TYR A 186 28.37 13.30 -3.13
C TYR A 186 29.35 13.46 -1.96
N ASN A 187 29.89 12.33 -1.51
CA ASN A 187 30.83 12.29 -0.40
C ASN A 187 32.19 11.76 -0.85
N LEU A 191 31.47 8.45 -4.10
CA LEU A 191 30.35 7.98 -3.27
C LEU A 191 29.15 8.92 -3.41
N THR A 192 28.20 8.52 -4.24
CA THR A 192 27.00 9.29 -4.53
C THR A 192 25.79 8.65 -3.86
N THR A 193 24.92 9.47 -3.26
CA THR A 193 23.71 8.97 -2.60
C THR A 193 22.49 9.76 -3.03
N CYS A 194 21.38 9.05 -3.19
CA CYS A 194 20.11 9.70 -3.44
C CYS A 194 19.03 9.10 -2.53
N VAL A 195 18.53 9.92 -1.62
CA VAL A 195 17.51 9.50 -0.67
C VAL A 195 16.21 10.21 -1.02
N VAL A 196 15.20 9.44 -1.39
CA VAL A 196 13.89 9.99 -1.74
C VAL A 196 12.85 9.65 -0.67
N THR A 197 12.20 10.68 -0.12
CA THR A 197 11.19 10.59 0.93
C THR A 197 9.81 10.98 0.42
N SER A 198 8.83 10.10 0.68
CA SER A 198 7.46 10.34 0.29
C SER A 198 6.54 10.02 1.42
N ARG A 199 5.53 10.86 1.61
CA ARG A 199 4.56 10.64 2.64
C ARG A 199 3.34 9.93 2.06
N SER A 200 3.46 9.42 0.85
CA SER A 200 2.40 8.65 0.23
C SER A 200 2.76 7.17 0.23
N ASN A 201 1.75 6.32 0.05
CA ASN A 201 1.96 4.88 -0.05
C ASN A 201 2.07 4.47 -1.52
N VAL A 202 2.04 5.44 -2.42
CA VAL A 202 2.13 5.18 -3.84
C VAL A 202 3.54 4.66 -4.15
N PRO A 203 3.64 3.51 -4.84
CA PRO A 203 4.96 3.01 -5.19
C PRO A 203 5.75 3.91 -6.14
N PHE A 204 7.07 3.90 -5.99
CA PHE A 204 7.93 4.67 -6.90
C PHE A 204 9.32 4.06 -6.91
N THR A 205 10.14 4.40 -7.91
CA THR A 205 11.50 3.88 -7.97
C THR A 205 12.51 5.01 -8.08
N VAL A 206 13.73 4.77 -7.60
CA VAL A 206 14.80 5.76 -7.62
C VAL A 206 16.00 5.14 -8.35
N GLU A 207 16.48 5.86 -9.35
CA GLU A 207 17.60 5.39 -10.17
C GLU A 207 18.62 6.51 -10.38
N LEU A 208 19.90 6.16 -10.26
CA LEU A 208 21.03 7.06 -10.59
C LEU A 208 21.39 6.93 -12.06
N SER A 209 21.96 8.00 -12.61
CA SER A 209 22.44 7.96 -14.01
C SER A 209 23.81 7.30 -14.11
N LEU A 210 23.88 6.04 -13.67
CA LEU A 210 25.11 5.23 -13.71
C LEU A 210 25.54 4.86 -15.13
N SER A 215 26.85 -1.00 -10.56
CA SER A 215 26.75 -1.61 -9.23
C SER A 215 26.18 -0.62 -8.20
N ALA A 216 24.99 -0.91 -7.70
CA ALA A 216 24.36 -0.01 -6.73
C ALA A 216 23.81 -0.74 -5.52
N ILE A 217 23.62 0.02 -4.43
CA ILE A 217 22.90 -0.48 -3.28
C ILE A 217 21.60 0.32 -3.15
N VAL A 218 20.48 -0.40 -3.14
CA VAL A 218 19.16 0.19 -3.00
C VAL A 218 18.46 -0.25 -1.71
N THR A 219 18.04 0.71 -0.91
CA THR A 219 17.33 0.45 0.33
C THR A 219 15.91 1.02 0.25
N ASP A 220 14.94 0.22 0.68
CA ASP A 220 13.54 0.59 0.67
C ASP A 220 13.06 0.45 2.10
N GLU A 221 12.97 1.56 2.80
CA GLU A 221 12.42 1.58 4.16
C GLU A 221 11.03 2.21 4.11
N SER A 222 10.06 1.59 4.77
CA SER A 222 8.71 2.10 4.75
C SER A 222 7.99 1.84 6.06
N THR A 223 7.10 2.76 6.39
CA THR A 223 6.20 2.64 7.53
C THR A 223 4.82 2.95 6.97
N VAL A 224 3.76 2.81 7.76
CA VAL A 224 2.43 3.18 7.28
C VAL A 224 2.39 4.69 6.91
N ASP A 225 3.37 5.44 7.42
CA ASP A 225 3.40 6.89 7.24
C ASP A 225 4.29 7.43 6.12
N CYS A 226 5.32 6.71 5.71
CA CYS A 226 6.20 7.22 4.68
C CYS A 226 7.11 6.18 4.06
N GLN A 227 7.71 6.52 2.94
CA GLN A 227 8.65 5.63 2.28
C GLN A 227 9.94 6.35 2.09
N ILE A 228 11.04 5.68 2.39
CA ILE A 228 12.35 6.27 2.19
C ILE A 228 13.15 5.30 1.35
N LEU A 229 13.41 5.71 0.11
CA LEU A 229 14.18 4.89 -0.82
C LEU A 229 15.53 5.53 -1.07
N THR A 230 16.58 4.76 -0.78
CA THR A 230 17.96 5.25 -0.88
C THR A 230 18.71 4.40 -1.91
N VAL A 231 19.43 5.08 -2.81
CA VAL A 231 20.28 4.44 -3.80
C VAL A 231 21.67 5.05 -3.69
N LYS A 232 22.64 4.21 -3.35
CA LYS A 232 24.02 4.64 -3.33
C LYS A 232 24.88 3.77 -4.23
N ALA A 233 25.80 4.45 -4.92
CA ALA A 233 26.71 3.79 -5.83
C ALA A 233 28.10 4.27 -5.46
N PRO A 234 28.89 3.40 -4.78
CA PRO A 234 30.26 3.74 -4.40
C PRO A 234 31.11 3.91 -5.65
N GLY A 235 32.00 4.91 -5.63
CA GLY A 235 32.88 5.17 -6.77
C GLY A 235 32.11 5.58 -8.01
N SER A 236 30.91 6.11 -7.80
CA SER A 236 30.09 6.66 -8.88
C SER A 236 30.21 8.18 -8.93
N HIS A 237 30.20 8.72 -10.18
CA HIS A 237 30.14 10.16 -10.37
C HIS A 237 28.88 10.53 -11.15
N ALA A 238 27.80 9.78 -10.88
CA ALA A 238 26.50 10.00 -11.51
C ALA A 238 25.99 11.40 -11.22
N GLN A 239 25.44 12.03 -12.25
CA GLN A 239 25.08 13.45 -12.18
C GLN A 239 23.59 13.70 -12.04
N ARG A 240 22.80 12.63 -12.18
CA ARG A 240 21.33 12.71 -12.14
C ARG A 240 20.72 11.60 -11.28
N CYS A 241 19.72 11.98 -10.47
CA CYS A 241 18.91 11.03 -9.71
C CYS A 241 17.49 11.15 -10.26
N TYR A 242 16.99 10.05 -10.78
CA TYR A 242 15.65 9.98 -11.35
C TYR A 242 14.65 9.35 -10.36
N VAL A 243 13.46 9.91 -10.35
CA VAL A 243 12.38 9.40 -9.53
C VAL A 243 11.20 9.12 -10.43
N THR A 244 10.78 7.86 -10.46
CA THR A 244 9.66 7.47 -11.31
C THR A 244 8.55 6.95 -10.43
N SER A 245 7.37 7.57 -10.58
CA SER A 245 6.20 7.25 -9.79
C SER A 245 5.16 6.39 -10.53
N SER A 246 4.59 5.41 -9.81
CA SER A 246 3.46 4.61 -10.30
C SER A 246 2.27 5.48 -10.70
N LEU A 247 2.23 6.68 -10.13
CA LEU A 247 1.19 7.67 -10.42
C LEU A 247 1.25 8.12 -11.88
N GLY A 248 2.39 7.89 -12.52
CA GLY A 248 2.58 8.17 -13.93
C GLY A 248 3.49 9.35 -14.23
N TRP A 249 4.47 9.61 -13.37
CA TRP A 249 5.42 10.70 -13.59
C TRP A 249 6.87 10.33 -13.35
N LYS A 250 7.76 11.11 -13.97
CA LYS A 250 9.21 10.93 -13.84
C LYS A 250 9.87 12.29 -13.68
N GLY A 251 10.77 12.40 -12.71
CA GLY A 251 11.44 13.66 -12.44
C GLY A 251 12.91 13.43 -12.19
N VAL A 252 13.68 14.51 -12.23
CA VAL A 252 15.14 14.43 -12.03
C VAL A 252 15.60 15.44 -10.99
N VAL A 253 16.60 15.03 -10.22
CA VAL A 253 17.33 15.93 -9.35
C VAL A 253 18.79 15.89 -9.81
N THR A 254 19.31 17.08 -10.11
CA THR A 254 20.65 17.25 -10.66
C THR A 254 21.08 18.71 -10.55
N PRO A 255 22.38 18.95 -10.28
CA PRO A 255 23.46 17.99 -10.01
C PRO A 255 23.53 17.62 -8.51
N PRO A 256 24.34 16.58 -8.16
CA PRO A 256 24.61 16.28 -6.74
C PRO A 256 25.25 17.44 -5.96
N SER A 257 24.70 17.68 -4.77
CA SER A 257 25.23 18.64 -3.84
C SER A 257 26.47 18.09 -3.13
N GLN A 258 27.12 18.93 -2.32
CA GLN A 258 28.18 18.44 -1.44
C GLN A 258 27.56 18.15 -0.07
N TYR A 259 26.37 18.71 0.13
CA TYR A 259 25.64 18.58 1.39
C TYR A 259 24.29 17.90 1.23
N ARG A 260 23.84 17.25 2.30
CA ARG A 260 22.53 16.58 2.31
C ARG A 260 21.42 17.62 2.54
N THR A 261 20.77 18.04 1.46
CA THR A 261 19.68 19.04 1.50
C THR A 261 18.51 18.55 0.66
N LYS A 262 17.29 18.80 1.12
CA LYS A 262 16.12 18.31 0.38
C LYS A 262 15.72 19.25 -0.74
N ARG A 263 15.50 18.65 -1.91
CA ARG A 263 15.02 19.33 -3.11
C ARG A 263 13.85 18.53 -3.74
N VAL A 264 13.09 19.14 -4.65
CA VAL A 264 12.01 18.42 -5.34
C VAL A 264 12.42 18.01 -6.76
N PRO A 265 11.98 16.83 -7.24
CA PRO A 265 12.31 16.49 -8.64
C PRO A 265 11.72 17.49 -9.63
N VAL A 266 12.44 17.69 -10.74
CA VAL A 266 12.00 18.54 -11.85
C VAL A 266 11.51 17.63 -12.97
N ASN A 267 10.41 18.01 -13.62
CA ASN A 267 9.82 17.17 -14.64
C ASN A 267 10.79 16.94 -15.81
N ILE A 268 11.26 15.71 -15.94
CA ILE A 268 12.23 15.34 -16.98
C ILE A 268 12.34 13.82 -17.18
#